data_4Z93
#
_entry.id   4Z93
#
_cell.length_a   51.862
_cell.length_b   72.696
_cell.length_c   32.115
_cell.angle_alpha   90.000
_cell.angle_beta   90.000
_cell.angle_gamma   90.000
#
_symmetry.space_group_name_H-M   'P 21 21 2'
#
loop_
_entity.id
_entity.type
_entity.pdbx_description
1 polymer 'Bromodomain-containing protein 4'
2 non-polymer 1-(3-cyclopropyl-5-methyl-1H-pyrazol-4-yl)-7-(3,5-dimethyl-1,2-oxazol-4-yl)-8-methoxy-5H-pyrido[4,3-b]indole
3 non-polymer 1,2-ETHANEDIOL
4 water water
#
_entity_poly.entity_id   1
_entity_poly.type   'polypeptide(L)'
_entity_poly.pdbx_seq_one_letter_code
;KVSEQLK(CME)CSGILKEMFAKKHAAYAWPFYKPVDVEALGLHDY(CME)DIIKHPMDMSTIKSKLEAREYRDAQEFGA
DVRLMFSNCYKYNPPDHEVVAMARKLQDVFEMRFAKMPDE
;
_entity_poly.pdbx_strand_id   A
#
# COMPACT_ATOMS: atom_id res chain seq x y z
N LYS A 1 -16.63 -15.22 7.99
CA LYS A 1 -16.09 -13.93 8.41
C LYS A 1 -14.75 -13.65 7.73
N VAL A 2 -13.78 -14.58 7.82
CA VAL A 2 -12.43 -14.37 7.27
C VAL A 2 -12.46 -14.27 5.73
N SER A 3 -13.21 -15.16 5.06
CA SER A 3 -13.28 -15.11 3.59
C SER A 3 -13.89 -13.79 3.14
N GLU A 4 -14.90 -13.34 3.88
CA GLU A 4 -15.57 -12.08 3.62
C GLU A 4 -14.61 -10.91 3.83
N GLN A 5 -13.81 -10.97 4.90
CA GLN A 5 -12.82 -9.93 5.12
C GLN A 5 -11.82 -9.87 4.00
N LEU A 6 -11.36 -11.03 3.52
CA LEU A 6 -10.37 -11.04 2.47
C LEU A 6 -10.97 -10.61 1.12
N LYS A 7 -12.26 -10.80 0.90
CA LYS A 7 -12.89 -10.20 -0.31
C LYS A 7 -12.91 -8.70 -0.19
N CYS A 9 -10.67 -6.93 1.47
CA CYS A 9 -9.29 -6.52 1.22
C CYS A 9 -8.99 -6.48 -0.27
N SER A 10 -9.40 -7.53 -0.97
CA SER A 10 -9.17 -7.59 -2.41
C SER A 10 -9.90 -6.44 -3.14
N GLY A 11 -11.10 -6.12 -2.71
CA GLY A 11 -11.84 -5.01 -3.31
C GLY A 11 -11.16 -3.68 -3.11
N ILE A 12 -10.68 -3.47 -1.88
CA ILE A 12 -9.95 -2.24 -1.56
C ILE A 12 -8.71 -2.11 -2.42
N LEU A 13 -7.94 -3.19 -2.55
CA LEU A 13 -6.73 -3.10 -3.34
C LEU A 13 -7.07 -2.86 -4.82
N LYS A 14 -8.10 -3.52 -5.33
CA LYS A 14 -8.51 -3.28 -6.73
C LYS A 14 -8.91 -1.81 -6.91
N GLU A 15 -9.64 -1.22 -5.95
CA GLU A 15 -9.93 0.20 -6.03
C GLU A 15 -8.65 1.04 -6.03
N MET A 16 -7.68 0.69 -5.19
CA MET A 16 -6.46 1.49 -5.15
C MET A 16 -5.71 1.45 -6.48
N PHE A 17 -5.88 0.38 -7.28
CA PHE A 17 -5.30 0.28 -8.62
C PHE A 17 -6.21 0.87 -9.71
N ALA A 18 -7.40 1.40 -9.37
CA ALA A 18 -8.32 1.87 -10.40
C ALA A 18 -7.87 3.18 -11.00
N LYS A 19 -8.31 3.41 -12.24
CA LYS A 19 -7.90 4.61 -12.95
C LYS A 19 -8.31 5.87 -12.21
N LYS A 20 -9.42 5.89 -11.52
CA LYS A 20 -9.85 7.10 -10.84
C LYS A 20 -8.86 7.59 -9.78
N HIS A 21 -8.01 6.70 -9.23
CA HIS A 21 -7.02 7.11 -8.22
C HIS A 21 -5.62 7.14 -8.77
N ALA A 22 -5.43 6.89 -10.06
CA ALA A 22 -4.11 6.67 -10.60
C ALA A 22 -3.20 7.87 -10.53
N ALA A 23 -3.73 9.10 -10.54
CA ALA A 23 -2.85 10.26 -10.55
C ALA A 23 -2.07 10.37 -9.26
N TYR A 24 -2.56 9.81 -8.16
CA TYR A 24 -1.83 9.81 -6.90
C TYR A 24 -1.39 8.42 -6.49
N ALA A 25 -1.99 7.35 -7.01
CA ALA A 25 -1.58 6.01 -6.58
C ALA A 25 -0.36 5.48 -7.30
N TRP A 26 -0.09 5.95 -8.51
CA TRP A 26 0.90 5.29 -9.34
C TRP A 26 2.29 5.11 -8.73
N PRO A 27 2.84 5.96 -7.88
CA PRO A 27 4.17 5.66 -7.33
C PRO A 27 4.18 4.44 -6.42
N PHE A 28 3.02 4.00 -5.95
CA PHE A 28 2.89 2.88 -5.03
C PHE A 28 2.60 1.57 -5.76
N TYR A 29 2.44 1.59 -7.09
CA TYR A 29 2.09 0.38 -7.80
C TYR A 29 3.14 -0.71 -7.72
N LYS A 30 4.41 -0.35 -7.79
CA LYS A 30 5.52 -1.29 -7.90
C LYS A 30 6.55 -1.02 -6.88
N PRO A 31 7.43 -1.98 -6.59
CA PRO A 31 8.52 -1.71 -5.65
C PRO A 31 9.32 -0.47 -6.02
N VAL A 32 9.76 0.26 -5.02
CA VAL A 32 10.68 1.37 -5.26
C VAL A 32 11.95 0.80 -5.92
N ASP A 33 12.29 1.32 -7.09
CA ASP A 33 13.49 0.87 -7.79
C ASP A 33 14.61 1.82 -7.39
N VAL A 34 15.37 1.39 -6.40
CA VAL A 34 16.39 2.19 -5.78
C VAL A 34 17.45 2.65 -6.79
N GLU A 35 17.88 1.73 -7.66
CA GLU A 35 18.92 2.08 -8.64
C GLU A 35 18.37 3.04 -9.70
N ALA A 36 17.16 2.80 -10.19
CA ALA A 36 16.57 3.65 -11.22
C ALA A 36 16.29 5.06 -10.75
N LEU A 37 15.89 5.23 -9.47
CA LEU A 37 15.55 6.55 -8.92
C LEU A 37 16.76 7.23 -8.24
N GLY A 38 17.89 6.54 -8.17
CA GLY A 38 19.11 7.05 -7.54
C GLY A 38 19.00 7.26 -6.03
N LEU A 39 18.22 6.42 -5.37
CA LEU A 39 17.98 6.55 -3.93
C LEU A 39 18.95 5.65 -3.18
N HIS A 40 20.21 6.07 -3.14
CA HIS A 40 21.28 5.25 -2.62
C HIS A 40 21.23 5.06 -1.11
N ASP A 41 20.39 5.82 -0.39
CA ASP A 41 20.18 5.66 1.05
C ASP A 41 18.90 4.91 1.37
N TYR A 42 18.12 4.53 0.35
CA TYR A 42 16.81 3.95 0.63
C TYR A 42 16.88 2.71 1.51
N ASP A 44 19.18 1.82 3.57
CA ASP A 44 19.70 2.11 4.90
C ASP A 44 18.60 2.59 5.79
N ILE A 45 17.57 3.18 5.22
CA ILE A 45 16.45 3.77 5.96
C ILE A 45 15.29 2.82 6.05
N ILE A 46 14.96 2.10 4.98
CA ILE A 46 13.81 1.22 4.91
C ILE A 46 14.25 -0.22 4.98
N LYS A 47 13.89 -0.92 6.02
CA LYS A 47 14.27 -2.32 6.19
C LYS A 47 13.29 -3.27 5.56
N HIS A 48 12.02 -2.86 5.40
CA HIS A 48 10.98 -3.75 4.89
C HIS A 48 10.19 -3.04 3.81
N PRO A 49 10.67 -3.04 2.56
CA PRO A 49 9.93 -2.37 1.49
C PRO A 49 8.59 -3.01 1.24
N MET A 50 7.63 -2.24 0.78
CA MET A 50 6.33 -2.80 0.42
C MET A 50 5.70 -1.93 -0.65
N ASP A 51 4.84 -2.54 -1.49
CA ASP A 51 4.20 -1.85 -2.60
C ASP A 51 2.93 -2.61 -2.94
N MET A 52 2.09 -2.00 -3.78
CA MET A 52 0.78 -2.59 -4.08
C MET A 52 0.83 -3.88 -4.89
N SER A 53 1.82 -4.04 -5.75
CA SER A 53 1.92 -5.28 -6.53
C SER A 53 2.37 -6.44 -5.66
N THR A 54 3.23 -6.17 -4.69
CA THR A 54 3.62 -7.19 -3.73
C THR A 54 2.39 -7.57 -2.90
N ILE A 55 1.61 -6.60 -2.44
CA ILE A 55 0.41 -6.90 -1.67
C ILE A 55 -0.55 -7.74 -2.52
N LYS A 56 -0.74 -7.38 -3.78
CA LYS A 56 -1.60 -8.16 -4.66
C LYS A 56 -1.11 -9.61 -4.75
N SER A 57 0.17 -9.82 -4.94
CA SER A 57 0.70 -11.18 -5.05
CA SER A 57 0.70 -11.18 -5.06
CA SER A 57 0.75 -11.16 -5.04
C SER A 57 0.49 -11.96 -3.76
N LYS A 58 0.62 -11.32 -2.61
CA LYS A 58 0.39 -12.00 -1.33
C LYS A 58 -1.08 -12.36 -1.17
N LEU A 59 -2.01 -11.49 -1.59
CA LEU A 59 -3.44 -11.85 -1.57
C LEU A 59 -3.71 -13.01 -2.50
N GLU A 60 -3.15 -12.97 -3.69
CA GLU A 60 -3.38 -14.05 -4.66
C GLU A 60 -2.84 -15.38 -4.14
N ALA A 61 -1.74 -15.36 -3.40
CA ALA A 61 -1.16 -16.57 -2.81
C ALA A 61 -1.83 -16.96 -1.50
N ARG A 62 -2.85 -16.23 -1.04
CA ARG A 62 -3.57 -16.47 0.20
C ARG A 62 -2.62 -16.37 1.40
N GLU A 63 -1.60 -15.50 1.30
CA GLU A 63 -0.65 -15.34 2.38
C GLU A 63 -1.27 -14.62 3.56
N TYR A 64 -2.18 -13.68 3.34
CA TYR A 64 -2.81 -12.98 4.44
C TYR A 64 -3.91 -13.86 5.01
N ARG A 65 -3.84 -14.11 6.30
CA ARG A 65 -4.82 -14.98 6.91
C ARG A 65 -6.04 -14.22 7.37
N ASP A 66 -5.95 -12.88 7.48
CA ASP A 66 -7.06 -12.04 7.85
C ASP A 66 -6.78 -10.61 7.42
N ALA A 67 -7.76 -9.75 7.65
CA ALA A 67 -7.62 -8.37 7.24
C ALA A 67 -6.56 -7.62 8.00
N GLN A 68 -6.27 -7.97 9.23
CA GLN A 68 -5.29 -7.23 9.99
C GLN A 68 -3.90 -7.32 9.37
N GLU A 69 -3.54 -8.49 8.88
CA GLU A 69 -2.26 -8.69 8.26
C GLU A 69 -2.15 -7.93 6.95
N PHE A 70 -3.23 -7.96 6.15
CA PHE A 70 -3.29 -7.17 4.92
C PHE A 70 -3.14 -5.69 5.24
N GLY A 71 -3.90 -5.19 6.21
CA GLY A 71 -3.83 -3.79 6.59
C GLY A 71 -2.44 -3.37 7.05
N ALA A 72 -1.75 -4.27 7.75
CA ALA A 72 -0.41 -3.95 8.22
C ALA A 72 0.54 -3.76 7.05
N ASP A 73 0.40 -4.51 5.96
CA ASP A 73 1.28 -4.30 4.81
C ASP A 73 0.93 -3.00 4.10
N VAL A 74 -0.35 -2.66 3.99
CA VAL A 74 -0.73 -1.41 3.33
C VAL A 74 -0.14 -0.24 4.14
N ARG A 75 -0.27 -0.29 5.46
CA ARG A 75 0.28 0.75 6.31
C ARG A 75 1.78 0.78 6.28
N LEU A 76 2.42 -0.37 6.20
CA LEU A 76 3.89 -0.43 6.05
C LEU A 76 4.32 0.33 4.80
N MET A 77 3.62 0.12 3.69
CA MET A 77 3.92 0.83 2.46
C MET A 77 3.86 2.35 2.65
N PHE A 78 2.77 2.83 3.28
CA PHE A 78 2.67 4.26 3.50
C PHE A 78 3.70 4.76 4.53
N SER A 79 3.92 4.02 5.60
CA SER A 79 4.89 4.44 6.61
C SER A 79 6.30 4.53 6.03
N ASN A 80 6.65 3.63 5.10
CA ASN A 80 7.97 3.72 4.48
C ASN A 80 8.10 5.04 3.71
N CYS A 81 7.03 5.42 3.02
CA CYS A 81 7.02 6.64 2.27
C CYS A 81 7.18 7.85 3.21
N TYR A 82 6.45 7.85 4.34
CA TYR A 82 6.53 8.94 5.31
C TYR A 82 7.88 8.97 5.99
N LYS A 83 8.53 7.84 6.17
CA LYS A 83 9.85 7.79 6.80
C LYS A 83 10.95 8.32 5.88
N TYR A 84 10.93 7.92 4.62
CA TYR A 84 12.02 8.20 3.72
C TYR A 84 12.02 9.60 3.15
N ASN A 85 10.86 10.10 2.77
CA ASN A 85 10.75 11.35 2.04
CA ASN A 85 10.75 11.35 2.03
C ASN A 85 10.57 12.55 2.92
N PRO A 86 11.04 13.75 2.48
CA PRO A 86 10.75 14.94 3.26
C PRO A 86 9.23 15.16 3.35
N PRO A 87 8.73 15.70 4.47
CA PRO A 87 7.29 15.81 4.67
C PRO A 87 6.53 16.68 3.64
N ASP A 88 7.22 17.58 2.95
CA ASP A 88 6.60 18.44 1.95
C ASP A 88 6.78 17.89 0.54
N HIS A 89 7.32 16.65 0.37
CA HIS A 89 7.50 16.07 -0.96
C HIS A 89 6.15 15.75 -1.58
N GLU A 90 6.06 15.88 -2.90
CA GLU A 90 4.86 15.58 -3.66
C GLU A 90 4.41 14.13 -3.39
N VAL A 91 5.35 13.18 -3.24
CA VAL A 91 4.97 11.79 -3.04
C VAL A 91 4.27 11.60 -1.67
N VAL A 92 4.61 12.43 -0.67
CA VAL A 92 3.97 12.32 0.62
C VAL A 92 2.52 12.83 0.53
N ALA A 93 2.29 13.90 -0.23
CA ALA A 93 0.92 14.37 -0.45
C ALA A 93 0.11 13.28 -1.19
N MET A 94 0.72 12.58 -2.14
CA MET A 94 0.04 11.51 -2.86
C MET A 94 -0.27 10.37 -1.91
N ALA A 95 0.70 9.98 -1.06
CA ALA A 95 0.49 8.96 -0.05
C ALA A 95 -0.69 9.29 0.84
N ARG A 96 -0.77 10.54 1.32
CA ARG A 96 -1.88 10.90 2.21
C ARG A 96 -3.22 10.73 1.54
N LYS A 97 -3.29 11.06 0.24
CA LYS A 97 -4.54 10.92 -0.48
C LYS A 97 -4.89 9.47 -0.69
N LEU A 98 -3.94 8.65 -1.09
CA LEU A 98 -4.24 7.23 -1.27
C LEU A 98 -4.52 6.56 0.07
N GLN A 99 -3.82 6.97 1.13
CA GLN A 99 -4.10 6.39 2.44
C GLN A 99 -5.50 6.79 2.92
N ASP A 100 -5.98 7.96 2.57
CA ASP A 100 -7.36 8.30 2.92
C ASP A 100 -8.34 7.41 2.19
N VAL A 101 -8.11 7.14 0.91
CA VAL A 101 -8.94 6.20 0.17
C VAL A 101 -8.95 4.87 0.92
N PHE A 102 -7.79 4.36 1.25
CA PHE A 102 -7.67 3.09 1.95
C PHE A 102 -8.35 3.11 3.32
N GLU A 103 -8.02 4.08 4.17
CA GLU A 103 -8.54 4.05 5.54
C GLU A 103 -10.04 4.18 5.59
N MET A 104 -10.64 5.03 4.72
CA MET A 104 -12.07 5.21 4.79
C MET A 104 -12.78 3.94 4.41
N ARG A 105 -12.28 3.15 3.47
CA ARG A 105 -12.93 1.94 3.07
C ARG A 105 -12.55 0.77 3.96
N PHE A 106 -11.30 0.68 4.41
CA PHE A 106 -10.89 -0.37 5.33
C PHE A 106 -11.68 -0.28 6.64
N ALA A 107 -12.09 0.95 7.02
CA ALA A 107 -12.91 1.13 8.22
C ALA A 107 -14.26 0.41 8.10
N LYS A 108 -14.71 0.16 6.88
CA LYS A 108 -16.00 -0.52 6.65
C LYS A 108 -15.84 -2.04 6.61
N MET A 109 -14.69 -2.58 7.01
CA MET A 109 -14.44 -4.01 7.01
C MET A 109 -15.59 -4.75 7.68
N PRO A 110 -16.12 -5.83 7.09
CA PRO A 110 -17.14 -6.63 7.82
C PRO A 110 -16.56 -7.09 9.15
N ASP A 111 -17.35 -7.03 10.24
CA ASP A 111 -16.81 -7.35 11.58
C ASP A 111 -17.42 -8.64 12.18
N GLU A 112 -18.16 -9.40 11.37
CA GLU A 112 -18.69 -10.70 11.78
C GLU A 112 -19.01 -11.54 10.54
#